data_1DXN
#
_entry.id   1DXN
#
_cell.length_a   1.000
_cell.length_b   1.000
_cell.length_c   1.000
_cell.angle_alpha   90.00
_cell.angle_beta   90.00
_cell.angle_gamma   90.00
#
_symmetry.space_group_name_H-M   'P 1'
#
_entity_poly.entity_id   1
_entity_poly.type   'polydeoxyribonucleotide/polyribonucleotide hybrid'
_entity_poly.pdbx_seq_one_letter_code
;(DC)(DG)(DC)AAA(DT)(DT)(DT)(DG)(DC)(DG)
;
_entity_poly.pdbx_strand_id   A,B
#